data_3TG3
#
_entry.id   3TG3
#
_cell.length_a   40.497
_cell.length_b   47.479
_cell.length_c   64.512
_cell.angle_alpha   91.18
_cell.angle_beta   97.29
_cell.angle_gamma   96.81
#
_symmetry.space_group_name_H-M   'P 1'
#
loop_
_entity.id
_entity.type
_entity.pdbx_description
1 polymer 'Dual specificity protein phosphatase 16'
2 non-polymer 1,2-ETHANEDIOL
3 water water
#
_entity_poly.entity_id   1
_entity_poly.type   'polypeptide(L)'
_entity_poly.pdbx_seq_one_letter_code
;MIGTQIVTERLVALLESGTEKVLLIDSRPFVEYNTSHILEAININCSKLMKRRLQQDKVLITELIQHSAKHKVDIDCSQK
VVVYDQSSQDVASLSSDCFLTVLLGKLEKSFNSVHLLAGGFAEFSRCFPGLCEGLEHHHHHH
;
_entity_poly.pdbx_strand_id   A,B,C,D
#
# COMPACT_ATOMS: atom_id res chain seq x y z
N THR A 4 -7.24 16.55 -11.46
CA THR A 4 -7.07 16.37 -10.03
C THR A 4 -6.06 15.26 -9.75
N GLN A 5 -6.30 14.48 -8.70
CA GLN A 5 -5.52 13.29 -8.45
C GLN A 5 -6.37 12.04 -8.53
N ILE A 6 -5.70 10.92 -8.73
CA ILE A 6 -6.34 9.63 -8.75
C ILE A 6 -5.33 8.67 -8.17
N VAL A 7 -5.74 7.94 -7.13
CA VAL A 7 -4.84 7.09 -6.37
C VAL A 7 -4.69 5.70 -6.97
N THR A 8 -3.70 4.97 -6.50
CA THR A 8 -3.30 3.70 -7.09
C THR A 8 -4.45 2.72 -7.27
N GLU A 9 -5.28 2.56 -6.23
CA GLU A 9 -6.37 1.60 -6.25
C GLU A 9 -7.51 2.01 -7.18
N ARG A 10 -7.68 3.32 -7.42
CA ARG A 10 -8.67 3.74 -8.41
C ARG A 10 -8.20 3.30 -9.77
N LEU A 11 -6.91 3.47 -10.01
CA LEU A 11 -6.37 3.16 -11.32
C LEU A 11 -6.50 1.67 -11.61
N VAL A 12 -6.19 0.83 -10.63
CA VAL A 12 -6.32 -0.60 -10.85
C VAL A 12 -7.76 -0.92 -11.13
N ALA A 13 -8.67 -0.18 -10.51
CA ALA A 13 -10.09 -0.47 -10.67
C ALA A 13 -10.53 -0.16 -12.10
N LEU A 14 -10.11 0.98 -12.62
CA LEU A 14 -10.46 1.38 -13.97
C LEU A 14 -9.81 0.48 -15.02
N LEU A 15 -8.58 0.06 -14.76
CA LEU A 15 -7.85 -0.83 -15.65
C LEU A 15 -8.50 -2.20 -15.75
N GLU A 16 -8.89 -2.72 -14.60
CA GLU A 16 -9.50 -4.04 -14.53
C GLU A 16 -10.88 -4.11 -15.20
N SER A 17 -11.72 -3.10 -14.98
CA SER A 17 -13.05 -3.11 -15.54
C SER A 17 -13.05 -2.51 -16.94
N GLY A 18 -14.20 -2.54 -17.60
CA GLY A 18 -14.34 -1.89 -18.89
C GLY A 18 -15.09 -0.59 -18.69
N THR A 19 -15.63 -0.43 -17.49
CA THR A 19 -16.38 0.76 -17.12
C THR A 19 -15.94 1.93 -17.99
N GLU A 20 -14.69 2.33 -17.83
CA GLU A 20 -14.16 3.44 -18.63
C GLU A 20 -12.96 3.01 -19.45
N LYS A 21 -12.84 3.60 -20.63
CA LYS A 21 -11.65 3.46 -21.44
C LYS A 21 -10.62 4.48 -20.94
N VAL A 22 -9.52 3.96 -20.41
CA VAL A 22 -8.52 4.79 -19.75
C VAL A 22 -7.33 5.03 -20.66
N LEU A 23 -6.93 6.30 -20.77
CA LEU A 23 -5.71 6.64 -21.51
C LEU A 23 -4.59 6.94 -20.51
N LEU A 24 -3.60 6.07 -20.49
CA LEU A 24 -2.59 6.06 -19.43
C LEU A 24 -1.25 6.50 -19.99
N ILE A 25 -0.71 7.60 -19.47
CA ILE A 25 0.56 8.15 -19.95
C ILE A 25 1.67 8.05 -18.94
N ASP A 26 2.83 7.53 -19.37
CA ASP A 26 4.05 7.48 -18.55
C ASP A 26 4.92 8.63 -19.02
N SER A 27 5.05 9.64 -18.17
CA SER A 27 5.80 10.85 -18.51
C SER A 27 7.32 10.67 -18.38
N ARG A 28 7.74 9.56 -17.78
CA ARG A 28 9.14 9.42 -17.37
C ARG A 28 10.14 9.26 -18.51
N PRO A 29 11.43 9.46 -18.21
CA PRO A 29 12.46 9.27 -19.22
C PRO A 29 12.35 7.90 -19.85
N PHE A 30 12.87 7.81 -21.06
CA PHE A 30 12.79 6.62 -21.88
C PHE A 30 13.37 5.38 -21.18
N VAL A 31 14.53 5.55 -20.56
CA VAL A 31 15.17 4.44 -19.85
C VAL A 31 14.19 3.85 -18.85
N GLU A 32 13.60 4.71 -18.02
CA GLU A 32 12.71 4.29 -16.96
C GLU A 32 11.52 3.54 -17.54
N TYR A 33 10.85 4.16 -18.50
CA TYR A 33 9.73 3.51 -19.14
C TYR A 33 10.10 2.10 -19.60
N ASN A 34 11.29 2.00 -20.17
CA ASN A 34 11.76 0.77 -20.76
C ASN A 34 12.10 -0.27 -19.72
N THR A 35 12.75 0.15 -18.65
CA THR A 35 13.02 -0.75 -17.56
C THR A 35 11.69 -1.40 -17.20
N SER A 36 10.68 -0.56 -16.97
CA SER A 36 9.39 -1.04 -16.51
C SER A 36 8.34 0.06 -16.48
N HIS A 37 7.10 -0.33 -16.73
CA HIS A 37 5.97 0.60 -16.71
C HIS A 37 4.65 -0.12 -16.43
N ILE A 38 3.62 0.69 -16.22
CA ILE A 38 2.30 0.15 -15.95
C ILE A 38 1.79 -0.44 -17.25
N LEU A 39 1.16 -1.61 -17.20
CA LEU A 39 0.75 -2.29 -18.44
C LEU A 39 0.09 -1.34 -19.44
N GLU A 40 0.57 -1.39 -20.67
CA GLU A 40 0.04 -0.56 -21.76
C GLU A 40 -0.10 0.95 -21.45
N ALA A 41 0.84 1.52 -20.70
CA ALA A 41 0.95 2.97 -20.60
C ALA A 41 1.70 3.50 -21.82
N ILE A 42 1.41 4.74 -22.20
CA ILE A 42 2.05 5.34 -23.36
C ILE A 42 3.20 6.28 -22.97
N ASN A 43 4.39 5.99 -23.48
CA ASN A 43 5.56 6.77 -23.08
C ASN A 43 5.66 8.09 -23.83
N ILE A 44 5.25 9.18 -23.18
CA ILE A 44 5.59 10.52 -23.62
C ILE A 44 6.76 10.97 -22.74
N ASN A 45 7.94 10.49 -23.10
CA ASN A 45 9.10 10.52 -22.24
C ASN A 45 9.71 11.90 -22.03
N CYS A 46 10.12 12.13 -20.78
CA CYS A 46 10.79 13.36 -20.39
C CYS A 46 12.09 13.44 -21.15
N SER A 47 12.16 14.36 -22.11
CA SER A 47 13.20 14.42 -23.09
C SER A 47 13.52 15.81 -23.35
N LYS A 48 14.62 16.06 -23.96
CA LYS A 48 14.87 17.38 -24.41
C LYS A 48 14.00 17.69 -25.60
N LEU A 49 14.05 16.84 -26.60
CA LEU A 49 13.19 17.00 -27.75
C LEU A 49 11.72 17.07 -27.34
N MET A 50 11.27 16.11 -26.55
CA MET A 50 9.84 16.05 -26.23
C MET A 50 9.40 17.33 -25.54
N LYS A 51 10.26 17.88 -24.69
CA LYS A 51 9.89 19.04 -23.91
C LYS A 51 9.89 20.27 -24.80
N ARG A 52 10.89 20.40 -25.64
CA ARG A 52 10.89 21.50 -26.61
C ARG A 52 9.60 21.49 -27.42
N ARG A 53 9.28 20.35 -28.01
CA ARG A 53 8.13 20.26 -28.91
C ARG A 53 6.78 20.48 -28.25
N LEU A 54 6.61 19.96 -27.04
CA LEU A 54 5.41 20.25 -26.25
C LEU A 54 5.23 21.76 -26.09
N GLN A 55 6.20 22.41 -25.45
CA GLN A 55 6.06 23.80 -25.09
C GLN A 55 6.25 24.76 -26.28
N GLN A 56 6.88 24.26 -27.34
CA GLN A 56 6.93 25.00 -28.60
C GLN A 56 5.57 25.02 -29.25
N ASP A 57 4.71 24.10 -28.81
CA ASP A 57 3.45 23.82 -29.49
C ASP A 57 3.60 23.45 -30.96
N LYS A 58 4.47 22.49 -31.22
CA LYS A 58 4.66 21.98 -32.57
C LYS A 58 4.01 20.62 -32.65
N VAL A 59 3.40 20.21 -31.55
CA VAL A 59 2.85 18.87 -31.48
C VAL A 59 1.39 18.82 -31.06
N LEU A 60 0.61 18.11 -31.85
CA LEU A 60 -0.73 17.74 -31.44
C LEU A 60 -0.57 16.59 -30.47
N ILE A 61 -0.95 16.82 -29.23
CA ILE A 61 -0.79 15.80 -28.21
C ILE A 61 -1.47 14.49 -28.62
N THR A 62 -2.59 14.58 -29.31
CA THR A 62 -3.36 13.41 -29.72
C THR A 62 -2.69 12.64 -30.85
N GLU A 63 -1.90 13.34 -31.66
CA GLU A 63 -1.15 12.68 -32.71
C GLU A 63 0.04 11.99 -32.08
N LEU A 64 0.62 12.68 -31.11
CA LEU A 64 1.76 12.19 -30.37
C LEU A 64 1.42 10.86 -29.69
N ILE A 65 0.28 10.86 -29.00
CA ILE A 65 -0.22 9.65 -28.39
C ILE A 65 -0.26 8.50 -29.40
N GLN A 66 -0.70 8.75 -30.60
CA GLN A 66 -0.84 7.62 -31.48
C GLN A 66 0.46 7.29 -32.09
N HIS A 67 1.38 8.22 -32.18
CA HIS A 67 2.65 7.75 -32.72
C HIS A 67 3.03 6.61 -31.89
N SER A 68 2.99 6.84 -30.59
CA SER A 68 3.74 6.14 -29.57
C SER A 68 3.00 4.92 -29.16
N ALA A 69 1.72 5.05 -28.95
CA ALA A 69 0.88 3.91 -28.88
C ALA A 69 1.29 2.98 -30.03
N LYS A 70 1.70 1.76 -29.72
CA LYS A 70 2.28 0.84 -30.68
C LYS A 70 3.60 1.32 -31.27
N ASP A 74 -7.81 5.02 -29.56
CA ASP A 74 -9.05 5.77 -29.67
C ASP A 74 -9.07 6.99 -28.75
N ILE A 75 -8.88 8.17 -29.35
CA ILE A 75 -8.83 9.41 -28.59
C ILE A 75 -10.22 10.04 -28.51
N ASP A 76 -10.43 10.92 -27.53
CA ASP A 76 -11.76 11.40 -27.17
C ASP A 76 -11.67 12.17 -25.85
N CYS A 77 -12.03 13.44 -25.89
CA CYS A 77 -11.76 14.34 -24.75
C CYS A 77 -12.38 13.98 -23.40
N SER A 78 -13.50 13.26 -23.41
CA SER A 78 -14.13 12.84 -22.16
C SER A 78 -13.29 11.77 -21.52
N GLN A 79 -12.51 11.08 -22.35
CA GLN A 79 -11.73 9.93 -21.94
C GLN A 79 -10.90 10.25 -20.72
N LYS A 80 -10.92 9.36 -19.73
CA LYS A 80 -10.08 9.48 -18.55
C LYS A 80 -8.62 9.39 -19.00
N VAL A 81 -7.81 10.32 -18.51
CA VAL A 81 -6.38 10.32 -18.78
C VAL A 81 -5.59 10.33 -17.47
N VAL A 82 -4.61 9.45 -17.34
CA VAL A 82 -3.82 9.39 -16.13
C VAL A 82 -2.34 9.48 -16.44
N VAL A 83 -1.71 10.58 -16.01
CA VAL A 83 -0.27 10.75 -16.15
C VAL A 83 0.41 10.31 -14.87
N TYR A 84 1.65 9.86 -14.99
CA TYR A 84 2.44 9.57 -13.82
C TYR A 84 3.93 9.79 -14.06
N ASP A 85 4.63 10.26 -13.04
CA ASP A 85 6.08 10.19 -13.06
C ASP A 85 6.46 9.14 -12.06
N GLN A 86 7.66 9.25 -11.53
CA GLN A 86 8.19 8.27 -10.61
C GLN A 86 7.55 8.34 -9.24
N SER A 87 7.28 9.55 -8.74
CA SER A 87 6.78 9.64 -7.35
C SER A 87 6.02 10.91 -6.95
N SER A 88 5.74 11.80 -7.89
CA SER A 88 4.99 13.00 -7.54
C SER A 88 3.67 12.66 -6.87
N GLN A 89 3.37 13.35 -5.77
CA GLN A 89 2.13 13.10 -5.02
C GLN A 89 0.94 13.84 -5.62
N ASP A 90 1.10 15.13 -5.92
CA ASP A 90 0.00 15.91 -6.46
C ASP A 90 0.45 17.10 -7.31
N VAL A 91 -0.50 17.79 -7.93
CA VAL A 91 -0.20 18.85 -8.88
C VAL A 91 0.48 20.07 -8.24
N ALA A 92 0.06 20.43 -7.04
CA ALA A 92 0.65 21.57 -6.33
C ALA A 92 2.14 21.35 -6.07
N SER A 93 2.53 20.11 -5.81
CA SER A 93 3.93 19.78 -5.56
C SER A 93 4.69 19.48 -6.86
N LEU A 94 4.43 20.26 -7.90
CA LEU A 94 5.22 20.19 -9.14
C LEU A 94 5.99 21.48 -9.34
N SER A 95 7.29 21.37 -9.64
CA SER A 95 8.10 22.57 -9.84
C SER A 95 7.54 23.27 -11.05
N SER A 96 7.37 24.58 -10.94
CA SER A 96 6.55 25.30 -11.91
C SER A 96 6.87 25.01 -13.38
N ASP A 97 8.11 24.70 -13.71
CA ASP A 97 8.48 24.51 -15.11
C ASP A 97 9.17 23.17 -15.39
N CYS A 98 8.72 22.12 -14.71
CA CYS A 98 9.24 20.78 -14.94
C CYS A 98 8.52 20.13 -16.11
N PHE A 99 9.10 19.08 -16.68
CA PHE A 99 8.48 18.42 -17.85
C PHE A 99 7.01 18.02 -17.65
N LEU A 100 6.74 17.24 -16.61
CA LEU A 100 5.39 16.85 -16.23
C LEU A 100 4.39 17.99 -16.37
N THR A 101 4.69 19.07 -15.68
CA THR A 101 3.93 20.32 -15.72
C THR A 101 3.66 20.78 -17.17
N VAL A 102 4.72 20.93 -17.96
CA VAL A 102 4.58 21.28 -19.36
C VAL A 102 3.51 20.40 -20.00
N LEU A 103 3.71 19.09 -19.86
CA LEU A 103 2.83 18.07 -20.40
C LEU A 103 1.42 18.26 -19.89
N LEU A 104 1.26 18.37 -18.58
CA LEU A 104 -0.07 18.50 -18.00
C LEU A 104 -0.88 19.62 -18.67
N GLY A 105 -0.21 20.68 -19.08
CA GLY A 105 -0.90 21.76 -19.74
C GLY A 105 -1.50 21.34 -21.06
N LYS A 106 -0.65 20.83 -21.95
CA LYS A 106 -1.07 20.44 -23.29
C LYS A 106 -2.15 19.38 -23.27
N LEU A 107 -2.21 18.60 -22.18
CA LEU A 107 -3.20 17.53 -22.07
C LEU A 107 -4.53 18.08 -21.62
N GLU A 108 -4.49 19.02 -20.68
CA GLU A 108 -5.71 19.65 -20.17
C GLU A 108 -6.24 20.59 -21.24
N LYS A 109 -5.45 20.71 -22.30
CA LYS A 109 -5.78 21.50 -23.47
C LYS A 109 -6.44 20.61 -24.53
N SER A 110 -6.68 19.35 -24.21
CA SER A 110 -7.34 18.41 -25.14
C SER A 110 -8.37 17.51 -24.46
N PHE A 111 -8.26 17.35 -23.15
CA PHE A 111 -9.15 16.44 -22.43
C PHE A 111 -9.77 17.10 -21.23
N ASN A 112 -10.99 16.72 -20.89
CA ASN A 112 -11.68 17.27 -19.72
C ASN A 112 -11.26 16.52 -18.49
N SER A 113 -10.77 15.31 -18.70
CA SER A 113 -10.44 14.41 -17.60
C SER A 113 -8.96 14.05 -17.60
N VAL A 114 -8.16 14.88 -16.95
CA VAL A 114 -6.73 14.64 -16.80
C VAL A 114 -6.37 14.56 -15.32
N HIS A 115 -6.00 13.37 -14.87
CA HIS A 115 -5.67 13.18 -13.47
C HIS A 115 -4.26 12.67 -13.32
N LEU A 116 -3.60 13.12 -12.27
CA LEU A 116 -2.26 12.68 -11.97
C LEU A 116 -2.33 11.47 -11.03
N LEU A 117 -1.48 10.46 -11.28
CA LEU A 117 -1.43 9.29 -10.40
C LEU A 117 -0.65 9.55 -9.11
N ALA A 118 -1.39 9.69 -8.02
CA ALA A 118 -0.81 9.95 -6.71
C ALA A 118 0.20 8.88 -6.28
N GLY A 119 1.45 9.29 -6.11
CA GLY A 119 2.52 8.38 -5.73
C GLY A 119 3.33 7.90 -6.91
N GLY A 120 2.91 8.27 -8.11
CA GLY A 120 3.65 7.93 -9.30
C GLY A 120 3.90 6.44 -9.40
N PHE A 121 4.89 6.10 -10.23
CA PHE A 121 5.15 4.70 -10.54
C PHE A 121 5.79 3.95 -9.36
N ALA A 122 6.49 4.67 -8.49
CA ALA A 122 7.11 3.99 -7.34
C ALA A 122 6.03 3.26 -6.52
N GLU A 123 4.88 3.91 -6.32
CA GLU A 123 3.84 3.39 -5.47
C GLU A 123 2.96 2.35 -6.14
N PHE A 124 2.69 2.54 -7.41
CA PHE A 124 1.91 1.57 -8.16
C PHE A 124 2.72 0.28 -8.28
N SER A 125 4.01 0.43 -8.58
CA SER A 125 4.85 -0.72 -8.84
C SER A 125 5.14 -1.47 -7.56
N ARG A 126 4.98 -0.79 -6.43
CA ARG A 126 5.17 -1.39 -5.13
C ARG A 126 3.97 -2.27 -4.85
N CYS A 127 2.79 -1.73 -5.15
CA CYS A 127 1.52 -2.36 -4.79
C CYS A 127 0.98 -3.36 -5.83
N PHE A 128 1.33 -3.19 -7.10
CA PHE A 128 0.78 -4.04 -8.15
C PHE A 128 1.82 -4.50 -9.15
N PRO A 129 2.86 -5.18 -8.66
CA PRO A 129 4.00 -5.61 -9.48
C PRO A 129 3.58 -6.32 -10.75
N GLY A 130 2.54 -7.14 -10.66
CA GLY A 130 2.12 -7.95 -11.78
C GLY A 130 1.48 -7.18 -12.90
N LEU A 131 1.07 -5.94 -12.62
CA LEU A 131 0.44 -5.09 -13.61
C LEU A 131 1.45 -4.09 -14.17
N CYS A 132 2.73 -4.43 -14.12
CA CYS A 132 3.79 -3.63 -14.71
C CYS A 132 4.59 -4.46 -15.70
N GLU A 133 4.59 -4.05 -16.95
CA GLU A 133 5.38 -4.69 -17.99
C GLU A 133 6.77 -4.11 -17.91
N GLY A 134 7.77 -4.89 -18.30
CA GLY A 134 9.15 -4.43 -18.33
C GLY A 134 9.96 -5.12 -19.39
N GLY B 3 -30.46 -4.54 7.96
CA GLY B 3 -30.48 -5.75 8.76
C GLY B 3 -30.26 -5.54 10.25
N THR B 4 -29.90 -6.63 10.95
CA THR B 4 -29.80 -6.69 12.41
C THR B 4 -28.84 -7.82 12.83
N GLN B 5 -29.17 -8.54 13.90
CA GLN B 5 -28.42 -9.73 14.26
C GLN B 5 -29.29 -10.96 14.19
N ILE B 6 -28.64 -12.11 14.08
CA ILE B 6 -29.31 -13.39 14.11
C ILE B 6 -28.35 -14.34 14.80
N VAL B 7 -28.85 -15.00 15.84
CA VAL B 7 -28.03 -15.81 16.72
C VAL B 7 -27.89 -17.23 16.21
N THR B 8 -26.92 -17.95 16.77
CA THR B 8 -26.56 -19.27 16.29
C THR B 8 -27.73 -20.24 16.08
N GLU B 9 -28.63 -20.32 17.06
CA GLU B 9 -29.74 -21.28 17.01
C GLU B 9 -30.80 -20.89 16.00
N ARG B 10 -30.94 -19.60 15.69
CA ARG B 10 -31.84 -19.21 14.64
C ARG B 10 -31.31 -19.72 13.32
N LEU B 11 -30.00 -19.60 13.13
CA LEU B 11 -29.37 -19.98 11.87
C LEU B 11 -29.50 -21.48 11.65
N VAL B 12 -29.27 -22.26 12.69
CA VAL B 12 -29.45 -23.70 12.55
C VAL B 12 -30.89 -24.00 12.20
N ALA B 13 -31.82 -23.22 12.74
CA ALA B 13 -33.23 -23.47 12.49
C ALA B 13 -33.57 -23.23 11.03
N LEU B 14 -33.05 -22.13 10.48
CA LEU B 14 -33.32 -21.79 9.08
C LEU B 14 -32.63 -22.78 8.14
N LEU B 15 -31.52 -23.32 8.58
CA LEU B 15 -30.75 -24.23 7.79
C LEU B 15 -31.39 -25.56 7.70
N GLU B 16 -31.97 -25.98 8.79
CA GLU B 16 -32.57 -27.26 8.97
C GLU B 16 -33.87 -27.35 8.21
N SER B 17 -34.64 -26.31 8.25
CA SER B 17 -35.94 -26.31 7.57
C SER B 17 -35.83 -25.77 6.16
N GLY B 18 -36.93 -25.81 5.42
CA GLY B 18 -36.98 -25.23 4.09
C GLY B 18 -37.70 -23.91 4.16
N THR B 19 -38.32 -23.66 5.32
CA THR B 19 -39.04 -22.42 5.58
C THR B 19 -38.51 -21.32 4.68
N GLU B 20 -37.27 -20.93 4.89
CA GLU B 20 -36.65 -19.89 4.09
C GLU B 20 -35.40 -20.38 3.36
N LYS B 21 -35.20 -19.85 2.15
CA LYS B 21 -33.96 -20.05 1.41
C LYS B 21 -32.94 -19.04 1.93
N VAL B 22 -31.90 -19.56 2.58
CA VAL B 22 -30.91 -18.74 3.25
C VAL B 22 -29.65 -18.58 2.41
N LEU B 23 -29.21 -17.34 2.27
CA LEU B 23 -27.95 -17.06 1.59
C LEU B 23 -26.89 -16.73 2.64
N LEU B 24 -25.93 -17.63 2.80
CA LEU B 24 -24.97 -17.59 3.91
C LEU B 24 -23.58 -17.21 3.43
N ILE B 25 -23.09 -16.06 3.87
CA ILE B 25 -21.77 -15.59 3.46
C ILE B 25 -20.72 -15.71 4.57
N ASP B 26 -19.56 -16.26 4.22
CA ASP B 26 -18.39 -16.29 5.10
C ASP B 26 -17.46 -15.17 4.64
N SER B 27 -17.37 -14.11 5.44
CA SER B 27 -16.56 -12.94 5.11
C SER B 27 -15.06 -13.15 5.36
N ARG B 28 -14.70 -14.24 6.04
CA ARG B 28 -13.33 -14.40 6.54
C ARG B 28 -12.26 -14.61 5.46
N PRO B 29 -10.98 -14.47 5.85
CA PRO B 29 -9.89 -14.73 4.91
C PRO B 29 -9.98 -16.13 4.34
N PHE B 30 -9.39 -16.29 3.18
CA PHE B 30 -9.45 -17.52 2.42
C PHE B 30 -8.96 -18.74 3.19
N VAL B 31 -7.84 -18.59 3.90
CA VAL B 31 -7.28 -19.66 4.72
C VAL B 31 -8.33 -20.18 5.69
N GLU B 32 -8.92 -19.26 6.43
CA GLU B 32 -9.92 -19.59 7.43
C GLU B 32 -11.10 -20.34 6.82
N TYR B 33 -11.69 -19.75 5.79
CA TYR B 33 -12.80 -20.40 5.11
C TYR B 33 -12.42 -21.84 4.77
N ASN B 34 -11.22 -22.00 4.23
CA ASN B 34 -10.72 -23.29 3.79
C ASN B 34 -10.48 -24.27 4.89
N THR B 35 -9.89 -23.80 5.98
CA THR B 35 -9.72 -24.64 7.14
C THR B 35 -11.09 -25.24 7.43
N SER B 36 -12.08 -24.36 7.56
CA SER B 36 -13.41 -24.80 7.95
C SER B 36 -14.43 -23.67 7.82
N HIS B 37 -15.67 -24.04 7.53
CA HIS B 37 -16.77 -23.09 7.43
C HIS B 37 -18.12 -23.76 7.64
N ILE B 38 -19.15 -22.94 7.83
CA ILE B 38 -20.50 -23.42 8.00
C ILE B 38 -20.95 -24.06 6.68
N LEU B 39 -21.63 -25.20 6.74
CA LEU B 39 -21.94 -25.93 5.52
C LEU B 39 -22.50 -25.01 4.43
N GLU B 40 -21.95 -25.16 3.24
CA GLU B 40 -22.40 -24.38 2.09
C GLU B 40 -22.51 -22.85 2.31
N ALA B 41 -21.60 -22.28 3.10
CA ALA B 41 -21.44 -20.82 3.11
C ALA B 41 -20.60 -20.36 1.91
N ILE B 42 -20.84 -19.15 1.47
CA ILE B 42 -20.12 -18.64 0.30
C ILE B 42 -18.97 -17.71 0.72
N ASN B 43 -17.77 -18.01 0.27
CA ASN B 43 -16.60 -17.26 0.71
C ASN B 43 -16.41 -15.97 -0.08
N ILE B 44 -16.83 -14.86 0.51
CA ILE B 44 -16.43 -13.54 0.02
C ILE B 44 -15.30 -13.06 0.93
N ASN B 45 -14.11 -13.57 0.66
CA ASN B 45 -13.03 -13.53 1.61
C ASN B 45 -12.39 -12.17 1.79
N CYS B 46 -12.09 -11.86 3.05
CA CYS B 46 -11.40 -10.64 3.43
C CYS B 46 -10.07 -10.66 2.75
N SER B 47 -9.89 -9.82 1.76
CA SER B 47 -8.79 -9.92 0.85
C SER B 47 -8.43 -8.54 0.54
N LYS B 48 -7.29 -8.35 -0.03
CA LYS B 48 -6.89 -7.06 -0.46
C LYS B 48 -7.62 -6.68 -1.73
N LEU B 49 -7.84 -7.64 -2.61
CA LEU B 49 -8.53 -7.39 -3.84
C LEU B 49 -9.96 -7.27 -3.52
N MET B 50 -10.45 -8.24 -2.81
CA MET B 50 -11.88 -8.25 -2.57
C MET B 50 -12.33 -6.94 -1.98
N LYS B 51 -11.52 -6.39 -1.08
CA LYS B 51 -11.87 -5.16 -0.39
C LYS B 51 -11.77 -3.95 -1.31
N ARG B 52 -10.74 -3.91 -2.14
CA ARG B 52 -10.65 -2.87 -3.15
C ARG B 52 -11.89 -2.87 -4.04
N ARG B 53 -12.20 -4.02 -4.62
CA ARG B 53 -13.29 -4.15 -5.58
C ARG B 53 -14.67 -3.84 -5.00
N LEU B 54 -14.91 -4.29 -3.77
CA LEU B 54 -16.15 -3.96 -3.07
C LEU B 54 -16.33 -2.44 -3.00
N GLN B 55 -15.36 -1.78 -2.39
CA GLN B 55 -15.49 -0.36 -2.08
C GLN B 55 -15.18 0.54 -3.27
N GLN B 56 -14.53 -0.03 -4.29
CA GLN B 56 -14.39 0.64 -5.57
C GLN B 56 -15.74 0.63 -6.32
N ASP B 57 -16.63 -0.24 -5.89
CA ASP B 57 -17.85 -0.53 -6.62
C ASP B 57 -17.59 -0.96 -8.04
N LYS B 58 -16.76 -1.99 -8.19
CA LYS B 58 -16.48 -2.55 -9.50
C LYS B 58 -17.14 -3.90 -9.56
N VAL B 59 -17.83 -4.24 -8.48
CA VAL B 59 -18.42 -5.56 -8.38
C VAL B 59 -19.91 -5.57 -8.06
N LEU B 60 -20.65 -6.30 -8.88
CA LEU B 60 -22.04 -6.62 -8.57
C LEU B 60 -22.04 -7.72 -7.54
N ILE B 61 -22.51 -7.41 -6.34
CA ILE B 61 -22.42 -8.36 -5.26
C ILE B 61 -23.09 -9.70 -5.64
N THR B 62 -24.15 -9.61 -6.42
CA THR B 62 -24.92 -10.78 -6.80
C THR B 62 -24.21 -11.63 -7.86
N GLU B 63 -23.34 -11.00 -8.63
CA GLU B 63 -22.54 -11.73 -9.59
C GLU B 63 -21.43 -12.41 -8.84
N LEU B 64 -20.89 -11.70 -7.87
CA LEU B 64 -19.78 -12.16 -7.05
C LEU B 64 -20.20 -13.42 -6.32
N ILE B 65 -21.41 -13.38 -5.76
CA ILE B 65 -21.98 -14.53 -5.08
C ILE B 65 -21.98 -15.74 -5.99
N GLN B 66 -22.24 -15.52 -7.26
CA GLN B 66 -22.31 -16.63 -8.17
C GLN B 66 -20.96 -17.06 -8.66
N HIS B 67 -19.96 -16.20 -8.61
CA HIS B 67 -18.65 -16.69 -9.01
C HIS B 67 -18.45 -17.84 -8.06
N SER B 68 -18.80 -17.54 -6.83
CA SER B 68 -18.37 -18.25 -5.63
C SER B 68 -19.08 -19.54 -5.32
N ALA B 69 -20.37 -19.49 -5.16
CA ALA B 69 -21.11 -20.71 -5.15
C ALA B 69 -20.34 -21.65 -6.03
N ASP B 74 -29.59 -19.03 -6.48
CA ASP B 74 -30.80 -18.26 -6.72
C ASP B 74 -30.83 -16.99 -5.87
N ILE B 75 -30.59 -15.86 -6.51
CA ILE B 75 -30.55 -14.58 -5.82
C ILE B 75 -31.93 -13.91 -5.86
N ASP B 76 -32.17 -13.02 -4.91
CA ASP B 76 -33.50 -12.47 -4.68
C ASP B 76 -33.47 -11.64 -3.40
N CYS B 77 -33.80 -10.36 -3.51
CA CYS B 77 -33.58 -9.39 -2.42
C CYS B 77 -34.29 -9.66 -1.09
N SER B 78 -35.43 -10.35 -1.13
CA SER B 78 -36.16 -10.68 0.10
C SER B 78 -35.39 -11.76 0.85
N GLN B 79 -34.60 -12.51 0.09
CA GLN B 79 -33.85 -13.65 0.61
C GLN B 79 -33.10 -13.29 1.87
N LYS B 80 -33.19 -14.14 2.88
CA LYS B 80 -32.42 -13.97 4.11
C LYS B 80 -30.94 -14.11 3.77
N VAL B 81 -30.14 -13.17 4.27
CA VAL B 81 -28.70 -13.21 4.08
C VAL B 81 -28.01 -13.14 5.44
N VAL B 82 -27.08 -14.04 5.69
CA VAL B 82 -26.35 -14.04 6.95
C VAL B 82 -24.84 -14.01 6.71
N VAL B 83 -24.22 -12.92 7.14
CA VAL B 83 -22.78 -12.79 7.07
C VAL B 83 -22.19 -13.19 8.42
N TYR B 84 -20.96 -13.68 8.39
CA TYR B 84 -20.25 -13.93 9.63
C TYR B 84 -18.73 -13.74 9.47
N ASP B 85 -18.10 -13.26 10.52
CA ASP B 85 -16.64 -13.35 10.57
C ASP B 85 -16.35 -14.36 11.65
N GLN B 86 -15.20 -14.20 12.27
CA GLN B 86 -14.75 -15.17 13.26
C GLN B 86 -15.49 -15.01 14.59
N SER B 87 -15.77 -13.78 15.02
CA SER B 87 -16.35 -13.60 16.36
C SER B 87 -17.11 -12.32 16.65
N SER B 88 -17.33 -11.47 15.65
CA SER B 88 -18.03 -10.22 15.88
C SER B 88 -19.40 -10.48 16.49
N GLN B 89 -19.73 -9.74 17.54
CA GLN B 89 -21.01 -9.92 18.21
C GLN B 89 -22.14 -9.19 17.50
N ASP B 90 -21.92 -7.92 17.15
CA ASP B 90 -22.97 -7.15 16.49
C ASP B 90 -22.43 -6.02 15.60
N VAL B 91 -23.33 -5.34 14.88
CA VAL B 91 -22.95 -4.32 13.91
C VAL B 91 -22.27 -3.09 14.51
N ALA B 92 -22.74 -2.66 15.68
CA ALA B 92 -22.17 -1.53 16.39
C ALA B 92 -20.71 -1.76 16.77
N SER B 93 -20.38 -2.99 17.10
CA SER B 93 -19.01 -3.33 17.45
C SER B 93 -18.18 -3.71 16.22
N LEU B 94 -18.36 -2.97 15.13
CA LEU B 94 -17.49 -3.13 13.94
C LEU B 94 -16.67 -1.87 13.73
N SER B 95 -15.36 -2.02 13.54
CA SER B 95 -14.51 -0.87 13.32
C SER B 95 -14.98 -0.22 12.04
N SER B 96 -15.14 1.10 12.06
CA SER B 96 -15.86 1.80 11.01
C SER B 96 -15.44 1.42 9.59
N ASP B 97 -14.16 1.08 9.38
CA ASP B 97 -13.72 0.80 8.01
C ASP B 97 -13.04 -0.57 7.84
N CYS B 98 -13.58 -1.58 8.53
CA CYS B 98 -13.08 -2.94 8.37
C CYS B 98 -13.74 -3.63 7.18
N PHE B 99 -13.15 -4.72 6.71
CA PHE B 99 -13.71 -5.42 5.57
C PHE B 99 -15.21 -5.72 5.72
N LEU B 100 -15.57 -6.45 6.78
CA LEU B 100 -16.95 -6.82 7.08
C LEU B 100 -17.89 -5.67 6.80
N THR B 101 -17.59 -4.53 7.41
CA THR B 101 -18.32 -3.28 7.27
C THR B 101 -18.50 -2.89 5.80
N VAL B 102 -17.39 -2.82 5.08
CA VAL B 102 -17.43 -2.55 3.65
C VAL B 102 -18.45 -3.45 2.98
N LEU B 103 -18.28 -4.76 3.19
CA LEU B 103 -19.16 -5.77 2.66
C LEU B 103 -20.62 -5.54 3.06
N LEU B 104 -20.88 -5.35 4.36
CA LEU B 104 -22.23 -5.14 4.84
C LEU B 104 -22.96 -4.04 4.06
N GLY B 105 -22.22 -3.02 3.64
CA GLY B 105 -22.82 -1.94 2.88
C GLY B 105 -23.37 -2.44 1.55
N LYS B 106 -22.48 -2.97 0.73
CA LYS B 106 -22.84 -3.45 -0.60
C LYS B 106 -23.95 -4.51 -0.58
N LEU B 107 -24.06 -5.25 0.52
CA LEU B 107 -25.10 -6.27 0.65
C LEU B 107 -26.46 -5.66 1.00
N GLU B 108 -26.46 -4.67 1.89
CA GLU B 108 -27.69 -3.97 2.26
C GLU B 108 -28.13 -3.09 1.11
N LYS B 109 -27.27 -3.04 0.10
CA LYS B 109 -27.50 -2.32 -1.14
C LYS B 109 -28.10 -3.26 -2.20
N SER B 110 -28.38 -4.50 -1.82
CA SER B 110 -29.00 -5.46 -2.73
C SER B 110 -30.11 -6.29 -2.10
N PHE B 111 -30.14 -6.37 -0.77
CA PHE B 111 -31.07 -7.23 -0.06
C PHE B 111 -31.76 -6.48 1.08
N ASN B 112 -33.02 -6.82 1.35
CA ASN B 112 -33.74 -6.19 2.44
C ASN B 112 -33.42 -6.88 3.74
N SER B 113 -32.93 -8.12 3.63
CA SER B 113 -32.72 -8.96 4.79
C SER B 113 -31.26 -9.36 4.89
N VAL B 114 -30.47 -8.51 5.55
CA VAL B 114 -29.06 -8.80 5.81
C VAL B 114 -28.80 -8.82 7.32
N HIS B 115 -28.51 -10.00 7.84
CA HIS B 115 -28.27 -10.13 9.27
C HIS B 115 -26.88 -10.65 9.55
N LEU B 116 -26.28 -10.14 10.61
CA LEU B 116 -24.97 -10.60 11.04
C LEU B 116 -25.17 -11.74 12.01
N LEU B 117 -24.35 -12.80 11.87
CA LEU B 117 -24.35 -13.93 12.80
C LEU B 117 -23.66 -13.59 14.11
N ALA B 118 -24.45 -13.43 15.16
CA ALA B 118 -23.92 -13.06 16.47
C ALA B 118 -23.00 -14.14 17.05
N GLY B 119 -21.74 -13.79 17.27
CA GLY B 119 -20.75 -14.72 17.75
C GLY B 119 -19.87 -15.29 16.64
N GLY B 120 -20.23 -14.98 15.41
CA GLY B 120 -19.40 -15.35 14.28
C GLY B 120 -19.14 -16.83 14.24
N PHE B 121 -18.08 -17.23 13.53
CA PHE B 121 -17.83 -18.64 13.33
C PHE B 121 -17.28 -19.34 14.55
N ALA B 122 -16.69 -18.59 15.47
CA ALA B 122 -16.17 -19.24 16.67
C ALA B 122 -17.32 -19.91 17.43
N GLU B 123 -18.45 -19.22 17.51
CA GLU B 123 -19.53 -19.67 18.37
C GLU B 123 -20.41 -20.70 17.70
N PHE B 124 -20.59 -20.59 16.40
CA PHE B 124 -21.35 -21.58 15.65
C PHE B 124 -20.56 -22.89 15.62
N SER B 125 -19.25 -22.81 15.41
CA SER B 125 -18.43 -24.01 15.26
C SER B 125 -18.25 -24.69 16.60
N ARG B 126 -18.41 -24.02 17.72
CA ARG B 126 -18.28 -24.78 18.95
C ARG B 126 -19.62 -25.25 19.48
N CYS B 127 -20.68 -24.88 18.79
CA CYS B 127 -22.00 -25.26 19.17
C CYS B 127 -22.59 -26.37 18.28
N PHE B 128 -22.16 -26.42 17.03
CA PHE B 128 -22.67 -27.30 15.99
C PHE B 128 -21.55 -27.74 15.03
N PRO B 129 -20.55 -28.42 15.54
CA PRO B 129 -19.36 -28.89 14.84
C PRO B 129 -19.70 -29.65 13.57
N GLY B 130 -20.79 -30.40 13.62
CA GLY B 130 -21.17 -31.29 12.53
C GLY B 130 -21.72 -30.54 11.33
N LEU B 131 -22.10 -29.28 11.53
CA LEU B 131 -22.65 -28.48 10.44
C LEU B 131 -21.59 -27.56 9.88
N CYS B 132 -20.33 -27.93 10.05
CA CYS B 132 -19.22 -27.17 9.50
C CYS B 132 -18.36 -28.07 8.60
N GLU B 133 -18.28 -27.71 7.33
CA GLU B 133 -17.43 -28.43 6.39
C GLU B 133 -16.03 -27.89 6.54
N GLY B 134 -15.03 -28.70 6.23
CA GLY B 134 -13.64 -28.30 6.30
C GLY B 134 -12.76 -29.05 5.32
N THR C 4 -3.50 -15.08 29.13
CA THR C 4 -4.84 -14.73 29.61
C THR C 4 -5.46 -13.67 28.71
N GLN C 5 -6.22 -12.76 29.33
CA GLN C 5 -6.75 -11.60 28.61
C GLN C 5 -6.19 -10.32 29.19
N ILE C 6 -6.22 -9.28 28.36
CA ILE C 6 -5.84 -7.95 28.78
C ILE C 6 -6.75 -6.97 28.08
N VAL C 7 -7.43 -6.12 28.84
CA VAL C 7 -8.45 -5.25 28.29
C VAL C 7 -7.89 -3.97 27.70
N THR C 8 -8.72 -3.26 26.95
CA THR C 8 -8.31 -2.07 26.22
C THR C 8 -7.57 -1.04 27.07
N GLU C 9 -8.10 -0.75 28.26
CA GLU C 9 -7.49 0.27 29.11
C GLU C 9 -6.16 -0.16 29.72
N ARG C 10 -5.98 -1.47 29.91
CA ARG C 10 -4.68 -1.93 30.38
C ARG C 10 -3.66 -1.67 29.30
N LEU C 11 -4.04 -1.93 28.07
CA LEU C 11 -3.11 -1.82 26.96
C LEU C 11 -2.68 -0.37 26.73
N VAL C 12 -3.64 0.55 26.79
CA VAL C 12 -3.28 1.95 26.70
C VAL C 12 -2.34 2.31 27.82
N ALA C 13 -2.56 1.74 29.00
CA ALA C 13 -1.73 2.06 30.15
C ALA C 13 -0.28 1.64 29.91
N LEU C 14 -0.09 0.43 29.43
CA LEU C 14 1.26 -0.09 29.18
C LEU C 14 1.94 0.67 28.05
N LEU C 15 1.17 1.01 27.01
CA LEU C 15 1.71 1.71 25.86
C LEU C 15 2.19 3.09 26.24
N GLU C 16 1.44 3.77 27.10
CA GLU C 16 1.72 5.13 27.49
C GLU C 16 2.86 5.30 28.46
N SER C 17 2.99 4.38 29.37
CA SER C 17 4.13 4.37 30.28
C SER C 17 5.33 3.62 29.68
N GLY C 18 6.44 3.63 30.41
CA GLY C 18 7.60 2.86 30.00
C GLY C 18 7.70 1.65 30.89
N THR C 19 6.89 1.65 31.96
CA THR C 19 6.82 0.56 32.91
C THR C 19 7.31 -0.73 32.26
N GLU C 20 6.57 -1.20 31.26
CA GLU C 20 6.94 -2.41 30.56
C GLU C 20 7.13 -2.16 29.08
N LYS C 21 8.09 -2.89 28.50
CA LYS C 21 8.27 -2.95 27.05
C LYS C 21 7.27 -3.95 26.47
N VAL C 22 6.32 -3.44 25.70
CA VAL C 22 5.21 -4.25 25.20
C VAL C 22 5.44 -4.67 23.77
N LEU C 23 5.27 -5.96 23.49
CA LEU C 23 5.35 -6.47 22.12
C LEU C 23 3.91 -6.72 21.61
N LEU C 24 3.48 -5.90 20.67
CA LEU C 24 2.07 -5.85 20.25
C LEU C 24 1.89 -6.45 18.88
N ILE C 25 1.13 -7.53 18.78
CA ILE C 25 0.93 -8.20 17.49
C ILE C 25 -0.47 -8.06 16.94
N ASP C 26 -0.57 -7.69 15.66
CA ASP C 26 -1.83 -7.62 14.93
C ASP C 26 -1.91 -8.85 14.05
N SER C 27 -2.76 -9.79 14.47
CA SER C 27 -2.93 -11.08 13.78
C SER C 27 -3.73 -10.97 12.47
N ARG C 28 -4.38 -9.84 12.24
CA ARG C 28 -5.39 -9.76 11.20
C ARG C 28 -4.83 -9.79 9.77
N PRO C 29 -5.71 -10.00 8.79
CA PRO C 29 -5.27 -10.02 7.40
C PRO C 29 -4.56 -8.73 7.06
N PHE C 30 -3.72 -8.82 6.03
CA PHE C 30 -2.90 -7.72 5.60
C PHE C 30 -3.70 -6.45 5.28
N VAL C 31 -4.82 -6.62 4.57
CA VAL C 31 -5.64 -5.48 4.19
C VAL C 31 -6.03 -4.71 5.43
N GLU C 32 -6.57 -5.44 6.40
CA GLU C 32 -7.04 -4.85 7.64
C GLU C 32 -5.92 -4.10 8.35
N TYR C 33 -4.80 -4.77 8.53
CA TYR C 33 -3.66 -4.12 9.19
C TYR C 33 -3.36 -2.80 8.52
N ASN C 34 -3.41 -2.82 7.20
CA ASN C 34 -3.00 -1.71 6.38
C ASN C 34 -4.00 -0.57 6.42
N THR C 35 -5.28 -0.92 6.40
CA THR C 35 -6.33 0.08 6.56
C THR C 35 -5.98 0.85 7.83
N SER C 36 -5.79 0.10 8.91
CA SER C 36 -5.56 0.72 10.20
C SER C 36 -5.15 -0.31 11.27
N HIS C 37 -4.30 0.13 12.19
CA HIS C 37 -3.87 -0.70 13.32
C HIS C 37 -3.47 0.14 14.53
N ILE C 38 -3.25 -0.55 15.66
CA ILE C 38 -2.84 0.09 16.89
C ILE C 38 -1.39 0.53 16.68
N LEU C 39 -1.06 1.72 17.17
CA LEU C 39 0.25 2.28 16.85
C LEU C 39 1.36 1.25 17.05
N GLU C 40 2.23 1.14 16.06
CA GLU C 40 3.40 0.26 16.14
C GLU C 40 3.10 -1.20 16.53
N ALA C 41 1.95 -1.73 16.11
CA ALA C 41 1.70 -3.17 16.23
C ALA C 41 2.40 -3.88 15.08
N ILE C 42 2.74 -5.14 15.27
CA ILE C 42 3.46 -5.89 14.25
C ILE C 42 2.53 -6.84 13.52
N ASN C 43 2.50 -6.75 12.21
CA ASN C 43 1.53 -7.53 11.45
C ASN C 43 2.04 -8.95 11.18
N ILE C 44 1.53 -9.90 11.95
CA ILE C 44 1.70 -11.31 11.61
C ILE C 44 0.38 -11.76 11.02
N ASN C 45 0.20 -11.42 9.75
CA ASN C 45 -1.12 -11.40 9.13
C ASN C 45 -1.69 -12.77 8.83
N CYS C 46 -2.98 -12.89 9.11
CA CYS C 46 -3.74 -14.10 8.80
C CYS C 46 -3.67 -14.34 7.30
N SER C 47 -2.99 -15.39 6.92
CA SER C 47 -2.48 -15.56 5.61
C SER C 47 -2.38 -17.00 5.39
N LYS C 48 -2.41 -17.43 4.15
CA LYS C 48 -2.29 -18.84 3.83
C LYS C 48 -0.90 -19.22 4.04
N LEU C 49 -0.02 -18.44 3.48
CA LEU C 49 1.40 -18.66 3.74
C LEU C 49 1.74 -18.60 5.23
N MET C 50 1.34 -17.52 5.88
CA MET C 50 1.67 -17.36 7.28
C MET C 50 1.17 -18.51 8.12
N LYS C 51 -0.03 -18.99 7.81
CA LYS C 51 -0.63 -20.05 8.62
C LYS C 51 0.08 -21.36 8.37
N ARG C 52 0.39 -21.65 7.10
CA ARG C 52 1.14 -22.86 6.80
C ARG C 52 2.44 -22.86 7.59
N ARG C 53 3.18 -21.78 7.49
CA ARG C 53 4.53 -21.71 8.06
C ARG C 53 4.56 -21.75 9.58
N LEU C 54 3.61 -21.08 10.22
CA LEU C 54 3.42 -21.20 11.67
C LEU C 54 3.25 -22.66 12.10
N GLN C 55 2.19 -23.30 11.60
CA GLN C 55 1.85 -24.65 12.03
C GLN C 55 2.75 -25.74 11.42
N GLN C 56 3.43 -25.44 10.31
CA GLN C 56 4.47 -26.31 9.77
C GLN C 56 5.70 -26.28 10.69
N ASP C 57 5.76 -25.27 11.55
CA ASP C 57 6.96 -24.97 12.33
C ASP C 57 8.20 -24.82 11.47
N LYS C 58 8.10 -23.95 10.47
CA LYS C 58 9.23 -23.61 9.62
C LYS C 58 9.72 -22.22 10.00
N VAL C 59 9.07 -21.65 11.01
CA VAL C 59 9.35 -20.28 11.37
C VAL C 59 9.66 -20.07 12.85
N LEU C 60 10.78 -19.43 13.10
CA LEU C 60 11.05 -18.91 14.43
C LEU C 60 10.23 -17.66 14.63
N ILE C 61 9.27 -17.74 15.54
CA ILE C 61 8.37 -16.62 15.75
C ILE C 61 9.13 -15.32 16.01
N THR C 62 10.27 -15.42 16.70
CA THR C 62 11.07 -14.26 17.07
C THR C 62 11.81 -13.66 15.89
N GLU C 63 12.12 -14.50 14.90
CA GLU C 63 12.74 -14.02 13.68
C GLU C 63 11.67 -13.35 12.83
N LEU C 64 10.50 -13.96 12.83
CA LEU C 64 9.35 -13.48 12.11
C LEU C 64 8.96 -12.07 12.57
N ILE C 65 8.92 -11.90 13.88
CA ILE C 65 8.70 -10.60 14.49
C ILE C 65 9.68 -9.55 13.95
N GLN C 66 10.93 -9.94 13.81
CA GLN C 66 11.92 -9.04 13.29
C GLN C 66 11.74 -8.71 11.82
N HIS C 67 11.39 -9.70 11.03
CA HIS C 67 11.24 -9.43 9.62
C HIS C 67 10.02 -8.61 9.31
N SER C 68 9.28 -8.30 10.35
CA SER C 68 8.10 -7.46 10.15
C SER C 68 8.34 -6.03 10.65
N ALA C 69 8.85 -5.91 11.87
CA ALA C 69 9.28 -4.63 12.40
C ALA C 69 10.31 -3.99 11.48
N VAL C 73 13.36 -7.45 17.24
CA VAL C 73 14.34 -6.59 17.85
C VAL C 73 14.52 -6.90 19.32
N ASP C 74 14.12 -6.02 20.22
CA ASP C 74 14.22 -6.34 21.63
C ASP C 74 13.31 -7.47 21.98
N ILE C 75 13.65 -8.66 21.56
CA ILE C 75 12.86 -9.80 21.99
C ILE C 75 13.38 -10.32 23.33
N ASP C 76 12.53 -11.05 24.06
CA ASP C 76 12.82 -11.42 25.44
C ASP C 76 11.56 -12.03 26.04
N CYS C 77 11.66 -13.28 26.50
CA CYS C 77 10.48 -14.06 26.85
C CYS C 77 9.59 -13.51 27.98
N SER C 78 10.17 -12.72 28.89
CA SER C 78 9.38 -12.14 29.96
C SER C 78 8.49 -11.06 29.40
N GLN C 79 8.93 -10.51 28.27
CA GLN C 79 8.26 -9.39 27.62
C GLN C 79 6.75 -9.61 27.49
N LYS C 80 5.97 -8.61 27.85
CA LYS C 80 4.54 -8.65 27.65
C LYS C 80 4.25 -8.70 26.17
N VAL C 81 3.38 -9.61 25.77
CA VAL C 81 2.98 -9.75 24.38
C VAL C 81 1.46 -9.70 24.27
N VAL C 82 0.95 -8.84 23.39
CA VAL C 82 -0.48 -8.74 23.21
C VAL C 82 -0.88 -8.95 21.76
N VAL C 83 -1.60 -10.04 21.51
CA VAL C 83 -2.19 -10.31 20.20
C VAL C 83 -3.61 -9.77 20.14
N TYR C 84 -4.03 -9.39 18.95
CA TYR C 84 -5.43 -9.02 18.74
C TYR C 84 -5.93 -9.38 17.32
N ASP C 85 -7.19 -9.75 17.21
CA ASP C 85 -7.80 -9.81 15.91
C ASP C 85 -8.81 -8.70 15.93
N GLN C 86 -9.84 -8.85 15.13
CA GLN C 86 -10.82 -7.79 14.99
C GLN C 86 -11.75 -7.64 16.19
N SER C 87 -12.15 -8.74 16.81
CA SER C 87 -13.15 -8.65 17.88
C SER C 87 -13.23 -9.81 18.88
N SER C 88 -12.28 -10.75 18.85
CA SER C 88 -12.36 -11.88 19.74
C SER C 88 -12.34 -11.41 21.19
N GLN C 89 -13.25 -11.94 22.00
CA GLN C 89 -13.32 -11.54 23.41
C GLN C 89 -12.30 -12.25 24.29
N ASP C 90 -12.19 -13.57 24.15
CA ASP C 90 -11.24 -14.34 24.96
C ASP C 90 -10.79 -15.65 24.31
N VAL C 91 -9.84 -16.32 24.95
CA VAL C 91 -9.23 -17.51 24.36
C VAL C 91 -10.20 -18.67 24.16
N ALA C 92 -11.10 -18.87 25.12
CA ALA C 92 -12.06 -19.96 25.04
C ALA C 92 -12.97 -19.82 23.82
N SER C 93 -13.30 -18.58 23.47
CA SER C 93 -14.12 -18.33 22.31
C SER C 93 -13.31 -18.22 21.01
N LEU C 94 -12.32 -19.10 20.85
CA LEU C 94 -11.59 -19.21 19.59
C LEU C 94 -11.89 -20.57 18.95
N SER C 95 -12.22 -20.58 17.67
CA SER C 95 -12.49 -21.84 16.99
C SER C 95 -11.19 -22.64 17.00
N SER C 96 -11.30 -23.91 17.34
CA SER C 96 -10.12 -24.69 17.70
C SER C 96 -8.94 -24.58 16.71
N ASP C 97 -9.21 -24.37 15.43
CA ASP C 97 -8.12 -24.38 14.47
C ASP C 97 -8.11 -23.14 13.59
N CYS C 98 -8.41 -21.99 14.20
CA CYS C 98 -8.34 -20.72 13.48
C CYS C 98 -6.93 -20.16 13.52
N PHE C 99 -6.66 -19.19 12.66
CA PHE C 99 -5.31 -18.66 12.58
C PHE C 99 -4.79 -18.19 13.93
N LEU C 100 -5.52 -17.26 14.54
CA LEU C 100 -5.18 -16.74 15.87
C LEU C 100 -4.68 -17.83 16.81
N THR C 101 -5.49 -18.88 16.91
CA THR C 101 -5.18 -20.04 17.72
C THR C 101 -3.82 -20.67 17.39
N VAL C 102 -3.60 -20.96 16.11
CA VAL C 102 -2.31 -21.45 15.64
C VAL C 102 -1.19 -20.54 16.14
N LEU C 103 -1.34 -19.24 15.90
CA LEU C 103 -0.40 -18.24 16.33
C LEU C 103 -0.19 -18.29 17.84
N LEU C 104 -1.27 -18.22 18.59
CA LEU C 104 -1.19 -18.21 20.04
C LEU C 104 -0.29 -19.33 20.56
N GLY C 105 -0.33 -20.48 19.90
CA GLY C 105 0.50 -21.59 20.31
C GLY C 105 1.99 -21.27 20.20
N LYS C 106 2.42 -20.94 18.99
CA LYS C 106 3.82 -20.66 18.73
C LYS C 106 4.37 -19.53 19.59
N LEU C 107 3.50 -18.63 20.04
CA LEU C 107 3.92 -17.49 20.85
C LEU C 107 4.09 -17.89 22.30
N GLU C 108 3.17 -18.71 22.79
CA GLU C 108 3.25 -19.21 24.17
C GLU C 108 4.37 -20.23 24.24
N LYS C 109 4.93 -20.53 23.08
CA LYS C 109 6.07 -21.42 22.93
C LYS C 109 7.36 -20.61 22.92
N SER C 110 7.27 -19.29 23.16
CA SER C 110 8.45 -18.42 23.21
C SER C 110 8.41 -17.39 24.33
N PHE C 111 7.23 -17.11 24.84
CA PHE C 111 7.07 -16.05 25.84
C PHE C 111 6.21 -16.54 27.01
N ASN C 112 6.51 -16.05 28.20
CA ASN C 112 5.77 -16.42 29.39
C ASN C 112 4.53 -15.55 29.51
N SER C 113 4.57 -14.41 28.83
CA SER C 113 3.51 -13.41 28.95
C SER C 113 2.85 -13.14 27.62
N VAL C 114 1.83 -13.94 27.29
CA VAL C 114 1.07 -13.78 26.06
C VAL C 114 -0.40 -13.55 26.38
N HIS C 115 -0.87 -12.34 26.14
CA HIS C 115 -2.24 -12.00 26.47
C HIS C 115 -2.99 -11.58 25.23
N LEU C 116 -4.26 -11.94 25.19
CA LEU C 116 -5.12 -11.59 24.09
C LEU C 116 -5.84 -10.30 24.44
N LEU C 117 -5.92 -9.37 23.48
CA LEU C 117 -6.64 -8.13 23.66
C LEU C 117 -8.15 -8.33 23.62
N ALA C 118 -8.78 -8.28 24.79
CA ALA C 118 -10.24 -8.40 24.88
C ALA C 118 -11.00 -7.35 24.07
N GLY C 119 -11.78 -7.80 23.09
CA GLY C 119 -12.52 -6.90 22.23
C GLY C 119 -11.83 -6.66 20.89
N GLY C 120 -10.59 -7.14 20.76
CA GLY C 120 -9.83 -6.98 19.54
C GLY C 120 -9.75 -5.54 19.10
N PHE C 121 -9.55 -5.36 17.80
CA PHE C 121 -9.28 -4.04 17.29
C PHE C 121 -10.54 -3.22 17.16
N ALA C 122 -11.69 -3.87 17.07
CA ALA C 122 -12.92 -3.12 16.96
C ALA C 122 -13.10 -2.23 18.18
N GLU C 123 -12.76 -2.76 19.35
CA GLU C 123 -13.02 -2.08 20.59
C GLU C 123 -11.95 -1.06 20.95
N PHE C 124 -10.71 -1.39 20.64
CA PHE C 124 -9.63 -0.45 20.89
C PHE C 124 -9.82 0.76 19.98
N SER C 125 -10.17 0.51 18.73
CA SER C 125 -10.23 1.59 17.74
C SER C 125 -11.45 2.46 17.99
N ARG C 126 -12.43 1.88 18.66
CA ARG C 126 -13.61 2.63 19.06
C ARG C 126 -13.24 3.61 20.17
N CYS C 127 -12.48 3.11 21.15
CA CYS C 127 -12.14 3.85 22.36
C CYS C 127 -10.92 4.78 22.25
N PHE C 128 -9.99 4.47 21.35
CA PHE C 128 -8.73 5.21 21.28
C PHE C 128 -8.32 5.44 19.85
N PRO C 129 -9.17 6.13 19.09
CA PRO C 129 -8.94 6.39 17.67
C PRO C 129 -7.56 6.94 17.40
N GLY C 130 -7.11 7.85 18.27
CA GLY C 130 -5.86 8.57 18.06
C GLY C 130 -4.64 7.71 18.20
N LEU C 131 -4.79 6.56 18.85
CA LEU C 131 -3.66 5.65 19.01
C LEU C 131 -3.67 4.54 17.96
N CYS C 132 -4.32 4.81 16.83
CA CYS C 132 -4.34 3.87 15.72
C CYS C 132 -3.77 4.52 14.45
N GLU C 133 -2.67 3.97 13.94
CA GLU C 133 -2.09 4.43 12.69
C GLU C 133 -2.86 3.79 11.55
N GLY C 134 -2.93 4.46 10.40
CA GLY C 134 -3.60 3.92 9.23
C GLY C 134 -2.98 4.43 7.93
N THR D 4 20.52 7.73 4.40
CA THR D 4 19.22 8.02 4.97
C THR D 4 18.52 9.12 4.17
N GLN D 5 17.79 9.99 4.86
CA GLN D 5 17.24 11.18 4.23
C GLN D 5 17.83 12.44 4.84
N ILE D 6 17.70 13.52 4.10
CA ILE D 6 18.11 14.83 4.57
C ILE D 6 17.14 15.81 3.94
N VAL D 7 16.50 16.63 4.77
CA VAL D 7 15.38 17.48 4.32
C VAL D 7 15.89 18.81 3.79
N THR D 8 15.00 19.55 3.15
CA THR D 8 15.38 20.76 2.45
C THR D 8 16.17 21.77 3.30
N GLU D 9 15.72 22.01 4.52
CA GLU D 9 16.35 23.02 5.37
C GLU D 9 17.73 22.61 5.85
N ARG D 10 17.95 21.31 6.02
CA ARG D 10 19.28 20.81 6.37
C ARG D 10 20.23 21.12 5.23
N LEU D 11 19.77 20.89 4.00
CA LEU D 11 20.62 21.08 2.84
C LEU D 11 21.00 22.55 2.67
N VAL D 12 20.06 23.46 2.86
CA VAL D 12 20.42 24.86 2.79
C VAL D 12 21.42 25.20 3.89
N ALA D 13 21.27 24.55 5.04
CA ALA D 13 22.16 24.87 6.14
C ALA D 13 23.58 24.45 5.82
N LEU D 14 23.75 23.26 5.25
CA LEU D 14 25.07 22.77 4.89
C LEU D 14 25.67 23.61 3.77
N LEU D 15 24.83 23.97 2.80
CA LEU D 15 25.28 24.73 1.65
C LEU D 15 25.78 26.09 2.08
N GLU D 16 25.05 26.71 3.00
CA GLU D 16 25.34 28.07 3.44
C GLU D 16 26.60 28.18 4.25
N SER D 17 26.80 27.27 5.19
CA SER D 17 28.00 27.24 6.02
C SER D 17 29.15 26.52 5.33
N GLY D 18 30.31 26.52 5.97
CA GLY D 18 31.46 25.78 5.47
C GLY D 18 31.62 24.52 6.29
N THR D 19 30.88 24.47 7.39
CA THR D 19 30.89 23.32 8.28
C THR D 19 31.35 22.08 7.53
N GLU D 20 30.56 21.66 6.56
CA GLU D 20 30.90 20.47 5.78
C GLU D 20 30.98 20.78 4.30
N LYS D 21 31.91 20.11 3.63
CA LYS D 21 32.00 20.12 2.19
C LYS D 21 30.98 19.12 1.64
N VAL D 22 29.97 19.64 0.95
CA VAL D 22 28.84 18.85 0.48
C VAL D 22 28.99 18.50 -1.00
N LEU D 23 28.81 17.23 -1.33
CA LEU D 23 28.81 16.81 -2.72
C LEU D 23 27.36 16.58 -3.13
N LEU D 24 26.87 17.43 -4.02
CA LEU D 24 25.45 17.47 -4.37
C LEU D 24 25.16 16.94 -5.78
N ILE D 25 24.43 15.84 -5.88
CA ILE D 25 24.15 15.23 -7.17
C ILE D 25 22.70 15.39 -7.60
N ASP D 26 22.50 15.83 -8.85
CA ASP D 26 21.19 15.90 -9.49
C ASP D 26 21.07 14.71 -10.42
N SER D 27 20.24 13.75 -10.03
CA SER D 27 20.07 12.50 -10.76
C SER D 27 19.17 12.65 -11.99
N ARG D 28 18.48 13.78 -12.09
CA ARG D 28 17.43 13.92 -13.10
C ARG D 28 17.92 13.94 -14.56
N PRO D 29 16.97 13.77 -15.49
CA PRO D 29 17.31 13.85 -16.91
C PRO D 29 17.96 15.17 -17.24
N PHE D 30 18.80 15.12 -18.28
CA PHE D 30 19.55 16.25 -18.73
C PHE D 30 18.71 17.52 -18.95
N VAL D 31 17.55 17.37 -19.61
CA VAL D 31 16.67 18.51 -19.85
C VAL D 31 16.36 19.22 -18.57
N GLU D 32 15.93 18.44 -17.59
CA GLU D 32 15.52 18.95 -16.30
C GLU D 32 16.68 19.68 -15.61
N TYR D 33 17.81 19.01 -15.49
CA TYR D 33 18.97 19.64 -14.92
C TYR D 33 19.20 21.00 -15.56
N ASN D 34 19.11 21.03 -16.88
CA ASN D 34 19.41 22.21 -17.67
C ASN D 34 18.41 23.31 -17.52
N THR D 35 17.13 22.95 -17.47
CA THR D 35 16.10 23.92 -17.20
C THR D 35 16.51 24.65 -15.94
N SER D 36 16.77 23.86 -14.89
CA SER D 36 17.08 24.39 -13.57
C SER D 36 17.57 23.33 -12.59
N HIS D 37 18.44 23.75 -11.68
CA HIS D 37 18.98 22.88 -10.64
C HIS D 37 19.46 23.65 -9.40
N ILE D 38 19.73 22.90 -8.35
CA ILE D 38 20.25 23.49 -7.11
C ILE D 38 21.66 23.97 -7.39
N LEU D 39 22.00 25.16 -6.90
CA LEU D 39 23.29 25.73 -7.24
C LEU D 39 24.43 24.73 -7.15
N GLU D 40 25.25 24.67 -8.19
CA GLU D 40 26.40 23.79 -8.23
C GLU D 40 26.11 22.31 -7.86
N ALA D 41 24.96 21.79 -8.29
CA ALA D 41 24.72 20.34 -8.23
C ALA D 41 25.36 19.68 -9.44
N ILE D 42 25.76 18.42 -9.31
CA ILE D 42 26.43 17.74 -10.41
C ILE D 42 25.45 16.82 -11.14
N ASN D 43 25.35 16.97 -12.45
CA ASN D 43 24.35 16.22 -13.17
C ASN D 43 24.84 14.83 -13.57
N ILE D 44 24.41 13.82 -12.82
CA ILE D 44 24.57 12.44 -13.25
C ILE D 44 23.21 12.01 -13.75
N ASN D 45 22.95 12.38 -15.00
CA ASN D 45 21.61 12.41 -15.52
C ASN D 45 21.04 11.06 -15.81
N CYS D 46 19.76 10.91 -15.46
CA CYS D 46 19.00 9.71 -15.79
C CYS D 46 18.97 9.54 -17.30
N SER D 47 19.73 8.56 -17.77
CA SER D 47 20.06 8.44 -19.18
C SER D 47 20.07 6.97 -19.52
N LYS D 48 19.87 6.62 -20.79
CA LYS D 48 20.06 5.24 -21.17
C LYS D 48 21.53 4.89 -20.96
N LEU D 49 22.41 5.70 -21.54
CA LEU D 49 23.85 5.48 -21.41
C LEU D 49 24.28 5.46 -19.96
N MET D 50 23.91 6.49 -19.22
CA MET D 50 24.34 6.61 -17.85
C MET D 50 23.89 5.42 -17.02
N LYS D 51 22.69 4.92 -17.29
CA LYS D 51 22.16 3.82 -16.51
C LYS D 51 22.87 2.53 -16.86
N ARG D 52 23.09 2.30 -18.15
CA ARG D 52 23.84 1.12 -18.56
C ARG D 52 25.18 1.10 -17.86
N ARG D 53 25.92 2.20 -17.96
CA ARG D 53 27.29 2.26 -17.47
C ARG D 53 27.41 2.14 -15.95
N LEU D 54 26.46 2.74 -15.23
CA LEU D 54 26.41 2.57 -13.78
C LEU D 54 26.29 1.09 -13.41
N GLN D 55 25.22 0.45 -13.89
CA GLN D 55 24.92 -0.91 -13.49
C GLN D 55 25.79 -1.96 -14.21
N GLN D 56 26.40 -1.57 -15.32
CA GLN D 56 27.41 -2.41 -15.98
C GLN D 56 28.68 -2.42 -15.15
N ASP D 57 28.79 -1.43 -14.26
CA ASP D 57 30.03 -1.18 -13.52
C ASP D 57 31.22 -0.95 -14.44
N LYS D 58 31.04 -0.04 -15.38
CA LYS D 58 32.11 0.36 -16.29
C LYS D 58 32.60 1.73 -15.87
N VAL D 59 32.01 2.25 -14.80
CA VAL D 59 32.29 3.61 -14.39
C VAL D 59 32.69 3.73 -12.93
N LEU D 60 33.82 4.40 -12.71
CA LEU D 60 34.16 4.84 -11.38
C LEU D 60 33.34 6.07 -11.08
N ILE D 61 32.45 5.95 -10.10
CA ILE D 61 31.54 7.03 -9.78
C ILE D 61 32.30 8.33 -9.48
N THR D 62 33.49 8.21 -8.89
CA THR D 62 34.29 9.37 -8.51
C THR D 62 34.95 10.03 -9.71
N GLU D 63 35.21 9.25 -10.75
CA GLU D 63 35.75 9.80 -11.97
C GLU D 63 34.63 10.49 -12.72
N LEU D 64 33.46 9.88 -12.67
CA LEU D 64 32.25 10.38 -13.31
C LEU D 64 31.88 11.75 -12.75
N ILE D 65 31.93 11.84 -11.43
CA ILE D 65 31.72 13.11 -10.74
C ILE D 65 32.65 14.19 -11.31
N GLN D 66 33.92 13.85 -11.50
CA GLN D 66 34.88 14.80 -12.04
C GLN D 66 34.58 15.14 -13.50
N HIS D 67 34.23 14.13 -14.28
CA HIS D 67 33.88 14.30 -15.68
C HIS D 67 32.64 15.19 -15.90
N SER D 68 32.02 15.63 -14.80
CA SER D 68 30.81 16.45 -14.88
C SER D 68 31.06 17.86 -14.34
N ALA D 69 31.66 17.92 -13.15
CA ALA D 69 32.10 19.18 -12.58
C ALA D 69 33.07 19.88 -13.53
N ASP D 74 36.88 17.88 -5.15
CA ASP D 74 37.57 17.14 -4.10
C ASP D 74 36.73 16.00 -3.54
N ILE D 75 37.08 14.78 -3.93
CA ILE D 75 36.36 13.59 -3.51
C ILE D 75 36.97 13.02 -2.23
N ASP D 76 36.19 12.25 -1.48
CA ASP D 76 36.56 11.82 -0.13
C ASP D 76 35.35 11.16 0.53
N CYS D 77 35.49 9.90 0.92
CA CYS D 77 34.34 9.07 1.31
C CYS D 77 33.50 9.54 2.51
N SER D 78 34.12 10.28 3.42
CA SER D 78 33.38 10.82 4.57
C SER D 78 32.45 11.92 4.11
N GLN D 79 32.81 12.54 2.99
CA GLN D 79 32.12 13.70 2.44
C GLN D 79 30.62 13.43 2.40
N LYS D 80 29.84 14.41 2.86
CA LYS D 80 28.40 14.34 2.75
C LYS D 80 28.03 14.34 1.27
N VAL D 81 27.12 13.46 0.90
CA VAL D 81 26.62 13.37 -0.48
C VAL D 81 25.11 13.45 -0.48
N VAL D 82 24.54 14.32 -1.31
CA VAL D 82 23.08 14.43 -1.39
C VAL D 82 22.58 14.26 -2.82
N VAL D 83 21.85 13.18 -3.05
CA VAL D 83 21.20 12.94 -4.34
C VAL D 83 19.77 13.44 -4.31
N TYR D 84 19.29 13.91 -5.45
CA TYR D 84 17.88 14.27 -5.56
C TYR D 84 17.30 13.95 -6.95
N ASP D 85 16.05 13.56 -6.99
CA ASP D 85 15.34 13.57 -8.25
C ASP D 85 14.33 14.67 -8.11
N GLN D 86 13.22 14.54 -8.83
CA GLN D 86 12.24 15.61 -8.88
C GLN D 86 11.37 15.66 -7.65
N SER D 87 11.01 14.52 -7.08
CA SER D 87 10.10 14.53 -5.93
C SER D 87 10.10 13.33 -4.97
N SER D 88 11.03 12.39 -5.14
CA SER D 88 11.04 11.22 -4.28
C SER D 88 11.15 11.64 -2.80
N GLN D 89 10.30 11.07 -1.96
CA GLN D 89 10.32 11.38 -0.54
C GLN D 89 11.42 10.62 0.24
N ASP D 90 11.50 9.32 0.05
CA ASP D 90 12.53 8.54 0.74
C ASP D 90 12.95 7.28 0.00
N VAL D 91 13.93 6.57 0.56
CA VAL D 91 14.56 5.44 -0.13
C VAL D 91 13.60 4.26 -0.32
N ALA D 92 12.77 4.01 0.68
CA ALA D 92 11.79 2.93 0.61
C ALA D 92 10.81 3.11 -0.55
N SER D 93 10.44 4.36 -0.82
CA SER D 93 9.55 4.66 -1.92
C SER D 93 10.29 4.85 -3.25
N LEU D 94 11.28 4.01 -3.51
CA LEU D 94 11.91 3.94 -4.84
C LEU D 94 11.57 2.61 -5.50
N SER D 95 11.19 2.65 -6.77
CA SER D 95 10.86 1.42 -7.48
C SER D 95 12.15 0.64 -7.61
N SER D 96 12.10 -0.64 -7.31
CA SER D 96 13.32 -1.41 -7.07
C SER D 96 14.43 -1.25 -8.12
N ASP D 97 14.06 -1.02 -9.38
CA ASP D 97 15.08 -0.94 -10.42
C ASP D 97 15.03 0.37 -11.23
N CYS D 98 14.75 1.47 -10.54
CA CYS D 98 14.78 2.78 -11.19
C CYS D 98 16.20 3.34 -11.22
N PHE D 99 16.42 4.36 -12.05
CA PHE D 99 17.76 4.94 -12.19
C PHE D 99 18.36 5.37 -10.86
N LEU D 100 17.64 6.24 -10.14
CA LEU D 100 18.04 6.70 -8.81
C LEU D 100 18.62 5.57 -7.96
N THR D 101 17.83 4.51 -7.82
CA THR D 101 18.21 3.30 -7.12
C THR D 101 19.54 2.74 -7.60
N VAL D 102 19.65 2.52 -8.90
CA VAL D 102 20.92 2.07 -9.48
C VAL D 102 22.07 2.94 -8.98
N LEU D 103 21.92 4.25 -9.19
CA LEU D 103 22.86 5.26 -8.75
C LEU D 103 23.16 5.12 -7.26
N LEU D 104 22.12 5.12 -6.43
CA LEU D 104 22.30 5.09 -4.99
C LEU D 104 23.25 3.97 -4.58
N GLY D 105 23.19 2.85 -5.29
CA GLY D 105 24.05 1.72 -4.98
C GLY D 105 25.50 2.07 -5.16
N LYS D 106 25.87 2.45 -6.38
CA LYS D 106 27.25 2.78 -6.72
C LYS D 106 27.84 3.88 -5.84
N LEU D 107 26.99 4.74 -5.30
CA LEU D 107 27.45 5.84 -4.47
C LEU D 107 27.71 5.37 -3.05
N GLU D 108 26.83 4.52 -2.53
CA GLU D 108 27.00 3.93 -1.21
C GLU D 108 28.14 2.93 -1.23
N LYS D 109 28.64 2.70 -2.44
CA LYS D 109 29.77 1.84 -2.71
C LYS D 109 31.06 2.67 -2.75
N SER D 110 30.96 3.96 -2.45
CA SER D 110 32.14 4.83 -2.43
C SER D 110 32.15 5.82 -1.26
N PHE D 111 30.98 6.07 -0.67
CA PHE D 111 30.87 7.07 0.39
C PHE D 111 30.11 6.50 1.57
N ASN D 112 30.48 6.94 2.77
CA ASN D 112 29.83 6.49 3.99
C ASN D 112 28.58 7.35 4.22
N SER D 113 28.57 8.53 3.60
CA SER D 113 27.51 9.49 3.86
C SER D 113 26.77 9.80 2.57
N VAL D 114 25.75 9.00 2.28
CA VAL D 114 24.89 9.22 1.11
C VAL D 114 23.43 9.44 1.52
N HIS D 115 22.93 10.65 1.37
CA HIS D 115 21.58 10.95 1.81
C HIS D 115 20.76 11.41 0.64
N LEU D 116 19.50 11.04 0.66
CA LEU D 116 18.54 11.45 -0.35
C LEU D 116 17.86 12.73 0.12
N LEU D 117 17.73 13.70 -0.77
CA LEU D 117 17.00 14.94 -0.48
C LEU D 117 15.48 14.73 -0.47
N ALA D 118 14.90 14.77 0.73
CA ALA D 118 13.47 14.54 0.90
C ALA D 118 12.63 15.61 0.23
N GLY D 119 11.79 15.20 -0.72
CA GLY D 119 11.01 16.15 -1.51
C GLY D 119 11.63 16.45 -2.86
N GLY D 120 12.82 15.93 -3.11
CA GLY D 120 13.51 16.18 -4.37
C GLY D 120 13.55 17.64 -4.77
N PHE D 121 13.70 17.89 -6.07
CA PHE D 121 13.88 19.24 -6.55
C PHE D 121 12.62 20.06 -6.56
N ALA D 122 11.47 19.40 -6.60
CA ALA D 122 10.24 20.16 -6.59
C ALA D 122 10.14 20.97 -5.32
N GLU D 123 10.55 20.37 -4.19
CA GLU D 123 10.34 20.98 -2.89
C GLU D 123 11.40 22.01 -2.55
N PHE D 124 12.64 21.72 -2.95
CA PHE D 124 13.71 22.65 -2.73
C PHE D 124 13.48 23.91 -3.54
N SER D 125 13.07 23.73 -4.80
CA SER D 125 12.89 24.85 -5.72
C SER D 125 11.69 25.69 -5.33
N ARG D 126 10.76 25.08 -4.63
CA ARG D 126 9.58 25.76 -4.14
C ARG D 126 10.00 26.67 -3.00
N CYS D 127 10.84 26.14 -2.12
CA CYS D 127 11.24 26.82 -0.89
C CYS D 127 12.43 27.78 -1.02
N PHE D 128 13.32 27.54 -2.00
CA PHE D 128 14.56 28.30 -2.12
C PHE D 128 14.87 28.62 -3.57
N PRO D 129 13.97 29.34 -4.23
CA PRO D 129 14.10 29.66 -5.66
C PRO D 129 15.46 30.24 -5.99
N GLY D 130 15.97 31.10 -5.12
CA GLY D 130 17.19 31.86 -5.37
C GLY D 130 18.43 30.99 -5.34
N LEU D 131 18.33 29.83 -4.73
CA LEU D 131 19.48 28.93 -4.68
C LEU D 131 19.42 27.87 -5.79
N CYS D 132 18.70 28.20 -6.87
CA CYS D 132 18.61 27.31 -8.02
C CYS D 132 19.09 28.02 -9.29
N GLU D 133 20.14 27.49 -9.91
CA GLU D 133 20.66 28.03 -11.14
C GLU D 133 19.86 27.41 -12.25
N GLY D 134 19.72 28.12 -13.37
CA GLY D 134 19.00 27.63 -14.52
C GLY D 134 19.49 28.25 -15.81
#